data_3FFG
#
_entry.id   3FFG
#
_cell.length_a   56.900
_cell.length_b   72.500
_cell.length_c   78.800
_cell.angle_alpha   90.00
_cell.angle_beta   90.00
_cell.angle_gamma   90.00
#
_symmetry.space_group_name_H-M   'P 21 21 21'
#
loop_
_entity.id
_entity.type
_entity.pdbx_description
1 polymer 'Coagulation factor X, heavy chain'
2 polymer 'Coagulation factor X, light chain'
3 non-polymer "(R)-6-(2'-((3-hydroxypyrrolidin-1-yl)methyl)biphenyl-4-yl)-1-(3-(5-oxo-4,5-dihydro-1h-1,2,4-triazol-3-yl)phenyl)-3-(trifluoromethyl)-5,6-dihydro-1h-pyrazolo[3,4-c]pyridin-7(4h)-one"
4 water water
#
loop_
_entity_poly.entity_id
_entity_poly.type
_entity_poly.pdbx_seq_one_letter_code
_entity_poly.pdbx_strand_id
1 'polypeptide(L)'
;IVGGQECKDGECPWQALLINEENEGFCGGTILSEFYILTAAHCLYQAKRFKVRVGDRNTEQEEGGEAVHEVEVVIKHNRF
TKETYDFDIAVLRLKTPITFRMNVAPACLPERDWAESTLMTQKTGIVSGFGRTHEKGRQSTRLKMLEVPYVDRNSCKLSS
SFIITQNMFCAGYDTKQEDACQGDSGGPHVTRFKDTYFVTGIVSWGEGCARKGKYGIYTKVTAFLKWIDRSMKT
;
A
2 'polypeptide(L)' KLCSLDNGDCDQFCHEEQNSVVCSCARGYTLADNGKACIPTGPYPCGKQTLE L
#
# COMPACT_ATOMS: atom_id res chain seq x y z
N ILE A 1 13.90 -2.02 -1.73
CA ILE A 1 13.91 -0.68 -2.41
C ILE A 1 15.31 -0.32 -2.86
N VAL A 2 15.47 -0.10 -4.16
CA VAL A 2 16.72 0.43 -4.71
C VAL A 2 16.67 1.95 -4.73
N GLY A 3 17.64 2.59 -4.07
CA GLY A 3 17.60 4.03 -3.95
C GLY A 3 16.67 4.46 -2.83
N GLY A 4 16.05 5.63 -2.98
CA GLY A 4 15.11 6.09 -1.98
C GLY A 4 15.77 6.47 -0.67
N GLN A 5 14.97 6.56 0.39
CA GLN A 5 15.50 6.94 1.71
C GLN A 5 14.95 6.01 2.79
N GLU A 6 15.63 5.96 3.92
CA GLU A 6 15.10 5.28 5.09
C GLU A 6 13.76 5.87 5.47
N CYS A 7 12.85 5.02 5.94
CA CYS A 7 11.67 5.52 6.63
C CYS A 7 12.10 5.96 8.03
N LYS A 8 11.97 7.25 8.30
CA LYS A 8 12.33 7.76 9.61
C LYS A 8 11.18 7.53 10.59
N ASP A 9 11.42 7.80 11.86
CA ASP A 9 10.48 7.47 12.92
C ASP A 9 9.09 8.02 12.59
N GLY A 10 8.11 7.13 12.46
CA GLY A 10 6.74 7.55 12.26
C GLY A 10 6.31 7.81 10.81
N GLU A 11 7.22 7.64 9.86
CA GLU A 11 6.92 8.01 8.48
C GLU A 11 6.14 6.96 7.70
N CYS A 12 6.30 5.68 8.06
CA CYS A 12 5.66 4.60 7.32
C CYS A 12 4.97 3.62 8.26
N PRO A 13 4.02 4.11 9.07
CA PRO A 13 3.47 3.30 10.16
C PRO A 13 2.57 2.14 9.72
N TRP A 14 2.14 2.16 8.46
CA TRP A 14 1.25 1.13 7.91
C TRP A 14 2.01 -0.06 7.32
N GLN A 15 3.34 -0.01 7.32
CA GLN A 15 4.11 -1.12 6.79
C GLN A 15 3.99 -2.35 7.69
N ALA A 16 3.72 -3.49 7.07
CA ALA A 16 3.79 -4.77 7.76
C ALA A 16 4.88 -5.63 7.11
N LEU A 17 5.41 -6.56 7.88
CA LEU A 17 6.42 -7.49 7.38
C LEU A 17 5.97 -8.92 7.63
N LEU A 18 5.90 -9.72 6.57
CA LEU A 18 5.57 -11.13 6.71
C LEU A 18 6.87 -11.87 7.03
N ILE A 19 6.85 -12.65 8.10
CA ILE A 19 8.06 -13.36 8.51
C ILE A 19 7.83 -14.87 8.55
N ASN A 20 8.83 -15.63 8.12
CA ASN A 20 8.72 -17.08 8.08
C ASN A 20 9.16 -17.72 9.39
N GLU A 21 9.29 -19.04 9.39
CA GLU A 21 9.63 -19.78 10.60
C GLU A 21 10.99 -19.37 11.16
N GLU A 22 11.85 -18.85 10.28
CA GLU A 22 13.18 -18.41 10.68
C GLU A 22 13.14 -16.99 11.25
N ASN A 23 11.95 -16.40 11.26
CA ASN A 23 11.77 -15.05 11.78
C ASN A 23 12.35 -14.00 10.84
N GLU A 24 12.51 -14.37 9.58
CA GLU A 24 13.04 -13.44 8.58
C GLU A 24 11.92 -12.96 7.65
N GLY A 25 11.96 -11.67 7.31
CA GLY A 25 10.93 -11.11 6.46
C GLY A 25 11.12 -11.52 5.00
N PHE A 26 10.04 -11.87 4.33
CA PHE A 26 10.13 -12.28 2.94
C PHE A 26 9.19 -11.50 2.02
N CYS A 27 8.26 -10.76 2.62
CA CYS A 27 7.33 -9.92 1.87
C CYS A 27 6.78 -8.82 2.75
N GLY A 28 6.21 -7.80 2.13
CA GLY A 28 5.54 -6.76 2.88
C GLY A 28 4.04 -6.94 2.95
N GLY A 29 3.40 -6.06 3.73
CA GLY A 29 1.96 -5.95 3.75
C GLY A 29 1.61 -4.53 4.14
N THR A 30 0.33 -4.20 4.07
CA THR A 30 -0.17 -2.90 4.53
C THR A 30 -1.22 -3.14 5.61
N ILE A 31 -1.08 -2.45 6.74
CA ILE A 31 -2.10 -2.52 7.79
C ILE A 31 -3.36 -1.79 7.35
N LEU A 32 -4.50 -2.48 7.40
CA LEU A 32 -5.77 -1.90 7.00
C LEU A 32 -6.66 -1.55 8.19
N SER A 33 -6.47 -2.30 9.28
CA SER A 33 -7.27 -2.13 10.49
C SER A 33 -6.59 -2.96 11.57
N GLU A 34 -7.15 -2.98 12.78
CA GLU A 34 -6.49 -3.70 13.86
C GLU A 34 -6.45 -5.21 13.61
N PHE A 35 -7.35 -5.72 12.78
CA PHE A 35 -7.38 -7.16 12.49
C PHE A 35 -6.91 -7.57 11.09
N TYR A 36 -6.75 -6.63 10.17
CA TYR A 36 -6.51 -7.01 8.78
C TYR A 36 -5.26 -6.44 8.11
N ILE A 37 -4.59 -7.30 7.34
CA ILE A 37 -3.41 -6.94 6.56
C ILE A 37 -3.68 -7.19 5.08
N LEU A 38 -3.30 -6.23 4.23
CA LEU A 38 -3.36 -6.42 2.79
C LEU A 38 -1.99 -6.85 2.27
N THR A 39 -1.96 -7.84 1.39
CA THR A 39 -0.70 -8.27 0.80
C THR A 39 -0.90 -8.88 -0.60
N ALA A 40 0.13 -9.48 -1.16
CA ALA A 40 0.05 -10.06 -2.50
C ALA A 40 -0.19 -11.56 -2.40
N ALA A 41 -1.05 -12.07 -3.28
CA ALA A 41 -1.36 -13.50 -3.28
C ALA A 41 -0.11 -14.34 -3.53
N HIS A 42 0.79 -13.87 -4.39
CA HIS A 42 1.95 -14.66 -4.77
C HIS A 42 2.92 -14.83 -3.61
N CYS A 43 2.78 -13.99 -2.59
CA CYS A 43 3.61 -14.09 -1.39
C CYS A 43 3.26 -15.32 -0.57
N LEU A 44 2.03 -15.80 -0.72
CA LEU A 44 1.52 -16.88 0.11
C LEU A 44 2.20 -18.21 -0.24
N TYR A 45 2.89 -18.24 -1.38
CA TYR A 45 3.60 -19.43 -1.82
C TYR A 45 5.05 -19.42 -1.32
N GLN A 46 5.42 -18.36 -0.62
CA GLN A 46 6.81 -18.15 -0.22
C GLN A 46 7.15 -18.70 1.16
N ALA A 47 6.13 -19.15 1.89
CA ALA A 47 6.34 -19.67 3.24
C ALA A 47 5.18 -20.56 3.67
N LYS A 48 5.51 -21.74 4.21
CA LYS A 48 4.50 -22.66 4.68
C LYS A 48 3.67 -22.03 5.80
N ARG A 49 4.34 -21.75 6.93
CA ARG A 49 3.71 -21.02 8.02
C ARG A 49 4.44 -19.70 8.26
N PHE A 50 3.68 -18.61 8.35
CA PHE A 50 4.27 -17.29 8.56
C PHE A 50 3.47 -16.48 9.56
N LYS A 51 4.11 -15.45 10.11
CA LYS A 51 3.44 -14.49 10.99
C LYS A 51 3.61 -13.08 10.44
N VAL A 52 3.02 -12.11 11.10
CA VAL A 52 3.13 -10.72 10.67
C VAL A 52 3.74 -9.85 11.75
N ARG A 53 4.79 -9.12 11.40
CA ARG A 53 5.39 -8.16 12.32
C ARG A 53 5.01 -6.71 11.93
N VAL A 54 4.62 -5.93 12.92
CA VAL A 54 4.33 -4.51 12.71
C VAL A 54 5.23 -3.65 13.59
N GLY A 55 5.44 -2.40 13.18
CA GLY A 55 6.18 -1.47 14.01
C GLY A 55 7.68 -1.56 13.90
N ASP A 56 8.18 -2.39 12.99
CA ASP A 56 9.62 -2.57 12.85
C ASP A 56 10.19 -1.64 11.78
N ARG A 57 11.36 -1.07 12.04
CA ARG A 57 12.08 -0.29 11.04
C ARG A 57 13.48 -0.84 10.84
N ASN A 58 13.94 -1.60 11.83
CA ASN A 58 15.30 -2.14 11.84
C ASN A 58 15.26 -3.58 12.35
N THR A 59 15.52 -4.54 11.47
CA THR A 59 15.37 -5.95 11.83
C THR A 59 16.54 -6.45 12.66
N GLU A 60 17.58 -5.62 12.79
CA GLU A 60 18.79 -6.03 13.49
C GLU A 60 18.59 -6.14 14.99
N GLN A 61 17.72 -5.29 15.54
CA GLN A 61 17.50 -5.28 16.98
C GLN A 61 16.03 -5.02 17.31
N GLU A 62 15.65 -5.34 18.54
CA GLU A 62 14.33 -4.99 19.06
C GLU A 62 14.37 -3.62 19.71
N GLU A 63 13.35 -2.81 19.45
CA GLU A 63 13.28 -1.46 20.00
C GLU A 63 12.22 -1.41 21.11
N GLY A 64 11.33 -2.40 21.09
CA GLY A 64 10.24 -2.42 22.05
C GLY A 64 8.93 -1.99 21.42
N GLY A 65 9.01 -1.45 20.20
CA GLY A 65 7.83 -1.00 19.51
C GLY A 65 7.28 -2.05 18.54
N GLU A 66 8.10 -3.06 18.25
CA GLU A 66 7.70 -4.13 17.36
C GLU A 66 6.66 -5.03 18.02
N ALA A 67 5.80 -5.65 17.20
CA ALA A 67 4.86 -6.65 17.70
C ALA A 67 4.61 -7.71 16.63
N VAL A 68 4.58 -8.98 17.05
CA VAL A 68 4.31 -10.07 16.13
C VAL A 68 2.89 -10.60 16.30
N HIS A 69 2.23 -10.87 15.18
CA HIS A 69 0.85 -11.36 15.19
C HIS A 69 0.73 -12.63 14.37
N GLU A 70 0.01 -13.61 14.92
CA GLU A 70 -0.30 -14.81 14.18
C GLU A 70 -1.48 -14.57 13.25
N VAL A 71 -1.51 -15.31 12.15
CA VAL A 71 -2.58 -15.20 11.18
C VAL A 71 -3.65 -16.24 11.50
N GLU A 72 -4.89 -15.79 11.58
CA GLU A 72 -6.02 -16.70 11.83
C GLU A 72 -6.60 -17.22 10.53
N VAL A 73 -6.83 -16.31 9.58
CA VAL A 73 -7.41 -16.67 8.30
C VAL A 73 -6.62 -16.06 7.16
N VAL A 74 -6.32 -16.86 6.14
CA VAL A 74 -5.74 -16.35 4.91
C VAL A 74 -6.82 -16.32 3.83
N ILE A 75 -7.01 -15.16 3.23
CA ILE A 75 -8.00 -15.02 2.17
C ILE A 75 -7.28 -14.63 0.88
N LYS A 76 -7.03 -15.63 0.03
CA LYS A 76 -6.33 -15.40 -1.23
C LYS A 76 -7.33 -15.33 -2.37
N HIS A 77 -7.13 -14.40 -3.29
CA HIS A 77 -8.06 -14.27 -4.42
C HIS A 77 -8.04 -15.56 -5.24
N ASN A 78 -9.21 -16.13 -5.48
CA ASN A 78 -9.29 -17.45 -6.11
C ASN A 78 -8.87 -17.42 -7.58
N ARG A 79 -8.73 -16.23 -8.15
CA ARG A 79 -8.33 -16.11 -9.54
C ARG A 79 -6.84 -15.84 -9.75
N PHE A 80 -6.07 -15.73 -8.67
CA PHE A 80 -4.63 -15.55 -8.86
C PHE A 80 -4.01 -16.78 -9.50
N THR A 81 -3.11 -16.56 -10.43
CA THR A 81 -2.30 -17.62 -11.00
C THR A 81 -0.94 -17.09 -11.41
N LYS A 82 0.10 -17.90 -11.22
CA LYS A 82 1.46 -17.49 -11.55
C LYS A 82 1.68 -17.44 -13.06
N GLU A 83 0.70 -17.92 -13.81
CA GLU A 83 0.79 -17.87 -15.27
C GLU A 83 0.67 -16.44 -15.78
N THR A 84 -0.16 -15.64 -15.11
CA THR A 84 -0.41 -14.26 -15.54
C THR A 84 -0.06 -13.24 -14.46
N TYR A 85 0.04 -13.72 -13.22
CA TYR A 85 0.16 -12.85 -12.05
C TYR A 85 -1.00 -11.88 -11.91
N ASP A 86 -2.10 -12.16 -12.60
CA ASP A 86 -3.31 -11.36 -12.44
C ASP A 86 -3.96 -11.69 -11.10
N PHE A 87 -4.73 -10.73 -10.58
CA PHE A 87 -5.43 -10.90 -9.31
C PHE A 87 -4.47 -11.16 -8.15
N ASP A 88 -3.34 -10.47 -8.15
CA ASP A 88 -2.31 -10.68 -7.13
C ASP A 88 -2.66 -9.93 -5.84
N ILE A 89 -3.55 -10.51 -5.05
CA ILE A 89 -4.05 -9.86 -3.85
C ILE A 89 -4.51 -10.89 -2.83
N ALA A 90 -4.23 -10.62 -1.56
CA ALA A 90 -4.73 -11.44 -0.47
C ALA A 90 -4.96 -10.56 0.75
N VAL A 91 -5.88 -10.99 1.60
CA VAL A 91 -6.12 -10.34 2.88
C VAL A 91 -5.92 -11.34 4.01
N LEU A 92 -5.24 -10.90 5.07
CA LEU A 92 -5.00 -11.76 6.23
C LEU A 92 -5.80 -11.22 7.41
N ARG A 93 -6.56 -12.09 8.07
CA ARG A 93 -7.12 -11.72 9.37
C ARG A 93 -6.22 -12.26 10.48
N LEU A 94 -5.90 -11.41 11.44
CA LEU A 94 -4.97 -11.76 12.51
C LEU A 94 -5.73 -12.36 13.70
N LYS A 95 -5.03 -13.19 14.49
CA LYS A 95 -5.67 -13.80 15.65
C LYS A 95 -5.93 -12.79 16.75
N THR A 96 -5.05 -11.80 16.88
CA THR A 96 -5.18 -10.77 17.90
C THR A 96 -5.07 -9.40 17.25
N PRO A 97 -5.75 -8.38 17.82
CA PRO A 97 -5.74 -7.03 17.25
C PRO A 97 -4.41 -6.30 17.41
N ILE A 98 -4.02 -5.56 16.38
CA ILE A 98 -2.83 -4.72 16.41
C ILE A 98 -3.04 -3.51 17.33
N THR A 99 -2.04 -3.24 18.17
CA THR A 99 -2.02 -2.04 19.00
C THR A 99 -1.40 -0.89 18.22
N PHE A 100 -2.17 0.16 17.96
CA PHE A 100 -1.64 1.30 17.23
C PHE A 100 -0.82 2.19 18.17
N ARG A 101 0.23 2.78 17.63
CA ARG A 101 1.23 3.51 18.42
C ARG A 101 2.17 4.18 17.44
N MET A 102 3.21 4.83 17.94
CA MET A 102 4.20 5.41 17.03
C MET A 102 4.72 4.28 16.14
N ASN A 103 4.72 4.52 14.84
CA ASN A 103 5.16 3.53 13.85
C ASN A 103 4.18 2.39 13.57
N VAL A 104 2.99 2.42 14.18
CA VAL A 104 1.98 1.42 13.87
C VAL A 104 0.61 2.06 13.70
N ALA A 105 0.13 2.14 12.47
CA ALA A 105 -1.15 2.75 12.18
C ALA A 105 -1.64 2.28 10.81
N PRO A 106 -2.95 2.23 10.61
CA PRO A 106 -3.49 1.77 9.33
C PRO A 106 -3.39 2.84 8.24
N ALA A 107 -3.31 2.41 6.99
CA ALA A 107 -3.46 3.31 5.85
C ALA A 107 -4.95 3.34 5.49
N CYS A 108 -5.40 4.43 4.87
CA CYS A 108 -6.81 4.57 4.53
C CYS A 108 -7.16 3.81 3.25
N LEU A 109 -8.31 3.15 3.26
CA LEU A 109 -8.88 2.63 2.02
C LEU A 109 -9.73 3.71 1.37
N PRO A 110 -9.45 4.01 0.09
CA PRO A 110 -10.21 5.04 -0.63
C PRO A 110 -11.51 4.50 -1.18
N GLU A 111 -12.38 5.40 -1.63
CA GLU A 111 -13.50 5.02 -2.48
C GLU A 111 -13.05 4.92 -3.92
N ARG A 112 -13.68 4.03 -4.69
CA ARG A 112 -13.20 3.69 -6.02
C ARG A 112 -13.14 4.87 -6.97
N ASP A 113 -14.29 5.50 -7.23
CA ASP A 113 -14.32 6.57 -8.23
C ASP A 113 -13.40 7.73 -7.86
N TRP A 114 -13.42 8.13 -6.59
CA TRP A 114 -12.60 9.24 -6.14
C TRP A 114 -11.12 8.90 -6.25
N ALA A 115 -10.76 7.68 -5.84
CA ALA A 115 -9.38 7.25 -5.91
C ALA A 115 -8.87 7.31 -7.35
N GLU A 116 -9.68 6.80 -8.29
CA GLU A 116 -9.24 6.74 -9.67
C GLU A 116 -9.16 8.13 -10.30
N SER A 117 -10.07 9.02 -9.90
CA SER A 117 -10.11 10.36 -10.48
C SER A 117 -9.13 11.32 -9.82
N THR A 118 -8.85 11.10 -8.53
CA THR A 118 -8.13 12.09 -7.75
C THR A 118 -6.77 11.63 -7.23
N LEU A 119 -6.69 10.38 -6.78
CA LEU A 119 -5.42 9.86 -6.27
C LEU A 119 -4.50 9.39 -7.38
N MET A 120 -5.05 8.59 -8.29
CA MET A 120 -4.22 7.94 -9.29
C MET A 120 -3.87 8.87 -10.44
N THR A 121 -4.39 10.10 -10.37
CA THR A 121 -4.07 11.12 -11.37
C THR A 121 -3.05 12.12 -10.84
N GLN A 122 -2.61 11.93 -9.60
CA GLN A 122 -1.56 12.75 -9.04
C GLN A 122 -0.22 12.37 -9.64
N LYS A 123 0.79 13.20 -9.41
CA LYS A 123 2.09 12.99 -10.03
C LYS A 123 2.77 11.74 -9.50
N THR A 124 2.71 11.55 -8.18
CA THR A 124 3.50 10.49 -7.54
C THR A 124 2.77 9.74 -6.43
N GLY A 125 3.29 8.56 -6.12
CA GLY A 125 2.91 7.85 -4.91
C GLY A 125 4.18 7.42 -4.18
N ILE A 126 4.03 6.66 -3.10
CA ILE A 126 5.17 6.22 -2.30
C ILE A 126 5.13 4.70 -2.10
N VAL A 127 6.23 4.04 -2.41
CA VAL A 127 6.33 2.60 -2.17
C VAL A 127 7.36 2.38 -1.07
N SER A 128 7.16 1.34 -0.26
CA SER A 128 8.07 1.10 0.87
C SER A 128 8.25 -0.38 1.12
N GLY A 129 9.36 -0.72 1.77
CA GLY A 129 9.60 -2.11 2.11
C GLY A 129 11.00 -2.43 2.58
N PHE A 130 11.18 -3.68 2.99
CA PHE A 130 12.49 -4.21 3.42
C PHE A 130 13.14 -5.02 2.30
N GLY A 131 12.70 -4.82 1.07
CA GLY A 131 13.23 -5.61 -0.04
C GLY A 131 14.68 -5.31 -0.38
N ARG A 132 15.21 -6.04 -1.34
CA ARG A 132 16.60 -5.85 -1.76
C ARG A 132 16.87 -4.42 -2.19
N THR A 133 18.09 -3.96 -1.93
CA THR A 133 18.48 -2.59 -2.24
C THR A 133 19.32 -2.51 -3.52
N HIS A 134 19.62 -3.67 -4.08
CA HIS A 134 20.16 -3.78 -5.43
C HIS A 134 19.55 -5.05 -6.06
N GLU A 135 19.49 -5.10 -7.38
CA GLU A 135 18.79 -6.21 -8.03
C GLU A 135 19.38 -7.54 -7.56
N LYS A 136 20.70 -7.57 -7.40
CA LYS A 136 21.36 -8.69 -6.78
C LYS A 136 21.76 -8.31 -5.37
N GLY A 137 21.24 -9.04 -4.39
CA GLY A 137 21.55 -8.74 -3.01
C GLY A 137 20.58 -9.33 -2.01
N ARG A 138 20.84 -9.11 -0.73
CA ARG A 138 19.99 -9.62 0.34
C ARG A 138 18.92 -8.59 0.73
N GLN A 139 17.95 -9.04 1.50
CA GLN A 139 16.90 -8.16 2.01
C GLN A 139 17.50 -7.04 2.86
N SER A 140 16.82 -5.90 2.91
CA SER A 140 17.26 -4.77 3.70
C SER A 140 16.92 -5.00 5.17
N THR A 141 17.81 -4.61 6.07
CA THR A 141 17.49 -4.66 7.49
C THR A 141 16.80 -3.37 7.92
N ARG A 142 16.78 -2.39 7.03
CA ARG A 142 16.13 -1.11 7.31
C ARG A 142 14.94 -0.89 6.37
N LEU A 143 13.85 -0.40 6.93
CA LEU A 143 12.68 -0.05 6.12
C LEU A 143 12.98 1.18 5.29
N LYS A 144 12.73 1.09 3.98
CA LYS A 144 12.99 2.19 3.06
C LYS A 144 11.71 2.61 2.36
N MET A 145 11.70 3.83 1.83
CA MET A 145 10.60 4.31 1.01
C MET A 145 11.13 5.06 -0.20
N LEU A 146 10.29 5.18 -1.22
CA LEU A 146 10.69 5.83 -2.45
C LEU A 146 9.48 6.49 -3.10
N GLU A 147 9.62 7.76 -3.46
CA GLU A 147 8.60 8.44 -4.25
C GLU A 147 8.71 7.96 -5.69
N VAL A 148 7.60 7.49 -6.25
CA VAL A 148 7.58 7.01 -7.62
C VAL A 148 6.46 7.66 -8.42
N PRO A 149 6.79 8.23 -9.59
CA PRO A 149 5.77 8.81 -10.47
C PRO A 149 4.80 7.76 -10.98
N TYR A 150 3.52 8.10 -11.04
CA TYR A 150 2.56 7.31 -11.80
C TYR A 150 2.97 7.33 -13.25
N VAL A 151 2.82 6.19 -13.92
CA VAL A 151 3.19 6.09 -15.32
C VAL A 151 1.96 5.92 -16.20
N ASP A 152 1.94 6.65 -17.32
CA ASP A 152 0.88 6.56 -18.31
C ASP A 152 0.61 5.10 -18.66
N ARG A 153 -0.66 4.73 -18.76
CA ARG A 153 -1.02 3.35 -19.00
C ARG A 153 -0.47 2.84 -20.34
N ASN A 154 -0.47 3.70 -21.34
CA ASN A 154 0.08 3.33 -22.64
C ASN A 154 1.58 3.06 -22.55
N SER A 155 2.31 3.99 -21.94
CA SER A 155 3.75 3.83 -21.77
CA SER A 155 3.76 3.84 -21.76
C SER A 155 4.04 2.61 -20.91
N CYS A 156 3.14 2.34 -19.98
CA CYS A 156 3.24 1.17 -19.12
C CYS A 156 3.25 -0.11 -19.96
N LYS A 157 2.25 -0.25 -20.81
CA LYS A 157 2.11 -1.47 -21.62
C LYS A 157 3.26 -1.65 -22.62
N LEU A 158 3.72 -0.55 -23.20
CA LEU A 158 4.78 -0.62 -24.20
C LEU A 158 6.13 -0.98 -23.57
N SER A 159 6.28 -0.72 -22.29
CA SER A 159 7.55 -0.98 -21.61
C SER A 159 7.65 -2.44 -21.18
N SER A 160 6.51 -3.11 -21.08
CA SER A 160 6.45 -4.44 -20.48
C SER A 160 6.55 -5.56 -21.50
N SER A 161 7.32 -6.59 -21.16
CA SER A 161 7.41 -7.78 -21.99
C SER A 161 6.24 -8.71 -21.70
N PHE A 162 5.47 -8.37 -20.67
CA PHE A 162 4.34 -9.20 -20.26
C PHE A 162 3.05 -8.39 -20.27
N ILE A 163 1.92 -9.09 -20.32
CA ILE A 163 0.63 -8.40 -20.40
C ILE A 163 0.29 -7.69 -19.09
N ILE A 164 0.03 -6.38 -19.20
CA ILE A 164 -0.43 -5.60 -18.06
C ILE A 164 -1.96 -5.59 -18.08
N THR A 165 -2.58 -6.24 -17.10
CA THR A 165 -4.03 -6.35 -17.08
C THR A 165 -4.66 -5.12 -16.43
N GLN A 166 -5.98 -5.03 -16.47
CA GLN A 166 -6.67 -3.90 -15.88
C GLN A 166 -6.59 -3.90 -14.35
N ASN A 167 -6.10 -5.00 -13.79
CA ASN A 167 -5.91 -5.08 -12.34
C ASN A 167 -4.53 -4.60 -11.91
N MET A 168 -3.75 -4.09 -12.86
CA MET A 168 -2.36 -3.68 -12.61
C MET A 168 -2.12 -2.23 -13.02
N PHE A 169 -1.16 -1.58 -12.38
CA PHE A 169 -0.64 -0.30 -12.90
C PHE A 169 0.87 -0.16 -12.71
N CYS A 170 1.46 0.79 -13.42
CA CYS A 170 2.92 1.04 -13.42
C CYS A 170 3.25 2.30 -12.63
N ALA A 171 4.36 2.26 -11.89
CA ALA A 171 4.95 3.47 -11.33
C ALA A 171 6.46 3.34 -11.34
N GLY A 172 7.16 4.46 -11.42
CA GLY A 172 8.61 4.42 -11.43
C GLY A 172 9.24 5.44 -12.38
N TYR A 173 10.51 5.23 -12.68
CA TYR A 173 11.27 6.16 -13.52
C TYR A 173 11.74 5.48 -14.81
N ASP A 174 11.90 6.28 -15.86
CA ASP A 174 12.36 5.75 -17.14
C ASP A 174 13.88 5.63 -17.16
N THR A 175 14.57 6.60 -16.57
CA THR A 175 16.02 6.65 -16.61
C THR A 175 16.68 6.57 -15.23
N LYS A 176 16.06 7.22 -14.24
CA LYS A 176 16.63 7.21 -12.90
C LYS A 176 16.48 5.82 -12.28
N GLN A 177 17.59 5.26 -11.81
CA GLN A 177 17.58 3.87 -11.38
C GLN A 177 17.28 3.73 -9.88
N GLU A 178 16.02 3.98 -9.54
CA GLU A 178 15.48 3.72 -8.22
C GLU A 178 14.09 3.13 -8.40
N ASP A 179 13.78 2.07 -7.64
CA ASP A 179 12.48 1.41 -7.74
C ASP A 179 12.39 0.33 -6.66
N ALA A 180 11.25 -0.34 -6.59
CA ALA A 180 11.09 -1.47 -5.67
C ALA A 180 11.84 -2.69 -6.19
N CYS A 181 11.93 -3.74 -5.36
CA CYS A 181 12.69 -4.94 -5.73
C CYS A 181 12.14 -6.15 -5.00
N GLN A 182 12.70 -7.32 -5.29
CA GLN A 182 12.29 -8.56 -4.65
C GLN A 182 12.27 -8.40 -3.14
N GLY A 183 11.19 -8.87 -2.52
CA GLY A 183 11.04 -8.72 -1.08
C GLY A 183 10.14 -7.56 -0.71
N ASP A 184 10.02 -6.58 -1.60
CA ASP A 184 9.07 -5.49 -1.38
C ASP A 184 7.63 -5.93 -1.74
N SER A 185 7.54 -7.03 -2.49
CA SER A 185 6.25 -7.61 -2.87
C SER A 185 5.26 -7.67 -1.71
N GLY A 186 4.00 -7.34 -2.00
CA GLY A 186 2.96 -7.39 -0.99
C GLY A 186 2.83 -6.11 -0.19
N GLY A 187 3.86 -5.27 -0.23
CA GLY A 187 3.88 -4.07 0.58
C GLY A 187 3.09 -2.89 0.01
N PRO A 188 3.06 -1.77 0.73
CA PRO A 188 2.24 -0.61 0.38
C PRO A 188 2.76 0.24 -0.78
N HIS A 189 1.85 0.57 -1.69
CA HIS A 189 1.96 1.76 -2.49
C HIS A 189 0.86 2.69 -1.98
N VAL A 190 1.25 3.86 -1.47
CA VAL A 190 0.28 4.81 -0.93
C VAL A 190 0.37 6.14 -1.67
N THR A 191 -0.74 6.86 -1.67
CA THR A 191 -0.78 8.17 -2.30
C THR A 191 -1.26 9.21 -1.30
N ARG A 192 -0.51 10.29 -1.18
CA ARG A 192 -0.82 11.36 -0.24
C ARG A 192 -1.84 12.32 -0.84
N PHE A 193 -2.86 12.65 -0.05
CA PHE A 193 -3.76 13.74 -0.39
C PHE A 193 -4.04 14.56 0.86
N LYS A 194 -3.68 15.83 0.85
CA LYS A 194 -3.85 16.69 2.02
C LYS A 194 -3.35 16.05 3.32
N ASP A 195 -2.12 15.55 3.30
CA ASP A 195 -1.49 14.95 4.48
C ASP A 195 -2.18 13.69 5.01
N THR A 196 -3.00 13.07 4.18
CA THR A 196 -3.57 11.76 4.52
C THR A 196 -3.19 10.75 3.46
N TYR A 197 -2.71 9.59 3.89
CA TYR A 197 -2.17 8.59 2.97
C TYR A 197 -3.16 7.45 2.74
N PHE A 198 -3.49 7.23 1.48
CA PHE A 198 -4.44 6.18 1.09
C PHE A 198 -3.69 5.07 0.38
N VAL A 199 -4.02 3.82 0.69
CA VAL A 199 -3.39 2.71 -0.01
C VAL A 199 -3.97 2.57 -1.42
N THR A 200 -3.09 2.64 -2.42
CA THR A 200 -3.47 2.63 -3.81
C THR A 200 -2.93 1.42 -4.57
N GLY A 201 -1.89 0.80 -4.05
CA GLY A 201 -1.32 -0.34 -4.73
C GLY A 201 -0.71 -1.38 -3.82
N ILE A 202 -0.51 -2.56 -4.36
CA ILE A 202 0.22 -3.63 -3.68
C ILE A 202 1.40 -3.97 -4.58
N VAL A 203 2.62 -3.94 -4.04
CA VAL A 203 3.77 -4.29 -4.86
C VAL A 203 3.59 -5.71 -5.40
N SER A 204 3.63 -5.86 -6.72
CA SER A 204 3.34 -7.16 -7.32
C SER A 204 4.53 -7.79 -8.05
N TRP A 205 5.06 -7.13 -9.07
CA TRP A 205 6.19 -7.69 -9.81
C TRP A 205 6.95 -6.64 -10.63
N GLY A 206 8.07 -7.05 -11.19
CA GLY A 206 8.82 -6.17 -12.08
C GLY A 206 9.88 -6.96 -12.82
N GLU A 207 10.29 -6.47 -13.98
CA GLU A 207 11.36 -7.11 -14.74
C GLU A 207 12.70 -6.58 -14.22
N GLY A 208 13.33 -7.36 -13.35
CA GLY A 208 14.49 -6.86 -12.64
C GLY A 208 14.08 -5.75 -11.70
N CYS A 209 15.04 -4.91 -11.32
CA CYS A 209 14.77 -3.80 -10.41
C CYS A 209 15.47 -2.52 -10.85
N ALA A 210 14.70 -1.43 -10.91
CA ALA A 210 15.26 -0.12 -11.25
C ALA A 210 15.90 -0.11 -12.63
N ARG A 211 15.48 -1.04 -13.50
CA ARG A 211 16.01 -1.09 -14.85
C ARG A 211 15.47 0.08 -15.67
N LYS A 212 16.34 0.67 -16.50
CA LYS A 212 15.92 1.76 -17.35
C LYS A 212 14.90 1.24 -18.36
N GLY A 213 13.83 2.00 -18.56
CA GLY A 213 12.79 1.59 -19.49
C GLY A 213 11.82 0.57 -18.92
N LYS A 214 11.95 0.29 -17.63
CA LYS A 214 11.04 -0.64 -16.96
C LYS A 214 10.46 0.04 -15.71
N TYR A 215 9.38 -0.52 -15.19
CA TYR A 215 8.71 0.07 -14.02
C TYR A 215 8.29 -1.01 -13.03
N GLY A 216 7.98 -0.59 -11.80
CA GLY A 216 7.32 -1.48 -10.87
C GLY A 216 5.86 -1.70 -11.24
N ILE A 217 5.39 -2.93 -11.10
CA ILE A 217 3.99 -3.25 -11.39
C ILE A 217 3.25 -3.52 -10.09
N TYR A 218 2.10 -2.86 -9.93
CA TYR A 218 1.33 -2.93 -8.68
C TYR A 218 -0.06 -3.46 -8.96
N THR A 219 -0.61 -4.22 -8.01
CA THR A 219 -2.02 -4.54 -8.05
C THR A 219 -2.81 -3.28 -7.72
N LYS A 220 -3.81 -2.98 -8.56
CA LYS A 220 -4.60 -1.77 -8.41
C LYS A 220 -5.66 -1.99 -7.34
N VAL A 221 -5.49 -1.34 -6.20
CA VAL A 221 -6.39 -1.55 -5.07
C VAL A 221 -7.84 -1.19 -5.42
N THR A 222 -8.03 -0.16 -6.23
CA THR A 222 -9.38 0.27 -6.59
C THR A 222 -10.16 -0.82 -7.33
N ALA A 223 -9.45 -1.74 -7.96
CA ALA A 223 -10.10 -2.83 -8.69
C ALA A 223 -10.67 -3.89 -7.75
N PHE A 224 -10.34 -3.79 -6.46
CA PHE A 224 -10.66 -4.86 -5.52
C PHE A 224 -11.31 -4.38 -4.23
N LEU A 225 -11.78 -3.13 -4.21
CA LEU A 225 -12.34 -2.57 -2.99
C LEU A 225 -13.54 -3.38 -2.46
N LYS A 226 -14.40 -3.86 -3.36
CA LYS A 226 -15.53 -4.67 -2.94
C LYS A 226 -15.08 -6.04 -2.42
N TRP A 227 -14.10 -6.63 -3.10
CA TRP A 227 -13.52 -7.90 -2.67
C TRP A 227 -12.83 -7.75 -1.31
N ILE A 228 -12.12 -6.63 -1.12
CA ILE A 228 -11.47 -6.35 0.16
C ILE A 228 -12.50 -6.17 1.29
N ASP A 229 -13.55 -5.42 1.01
CA ASP A 229 -14.60 -5.18 1.98
C ASP A 229 -15.26 -6.49 2.41
N ARG A 230 -15.52 -7.38 1.44
CA ARG A 230 -16.12 -8.67 1.74
C ARG A 230 -15.19 -9.54 2.57
N SER A 231 -13.90 -9.48 2.27
CA SER A 231 -12.92 -10.29 2.99
C SER A 231 -12.74 -9.81 4.42
N MET A 232 -12.96 -8.52 4.65
CA MET A 232 -12.77 -7.94 5.99
C MET A 232 -13.99 -8.14 6.87
N LYS A 233 -14.95 -8.92 6.38
CA LYS A 233 -16.11 -9.29 7.18
C LYS A 233 -16.20 -10.81 7.32
N THR A 234 -15.58 -11.53 6.40
CA THR A 234 -15.59 -12.99 6.40
C THR A 234 -14.33 -13.54 7.04
N LYS B 1 -17.44 23.14 -12.28
CA LYS B 1 -16.16 22.45 -11.91
C LYS B 1 -16.34 21.52 -10.72
N LEU B 2 -17.00 22.00 -9.67
CA LEU B 2 -17.37 21.18 -8.53
C LEU B 2 -16.19 20.33 -8.03
N CYS B 3 -16.34 19.01 -8.11
CA CYS B 3 -15.29 18.09 -7.62
C CYS B 3 -13.96 18.29 -8.34
N SER B 4 -14.02 18.78 -9.58
CA SER B 4 -12.80 18.97 -10.37
C SER B 4 -12.09 20.27 -10.00
N LEU B 5 -12.77 21.12 -9.23
CA LEU B 5 -12.14 22.35 -8.76
C LEU B 5 -11.62 22.15 -7.33
N ASP B 6 -10.32 21.86 -7.23
CA ASP B 6 -9.67 21.65 -5.93
C ASP B 6 -10.47 20.70 -5.05
N ASN B 7 -10.87 19.56 -5.61
CA ASN B 7 -11.54 18.50 -4.87
C ASN B 7 -12.79 18.99 -4.13
N GLY B 8 -13.42 20.03 -4.68
CA GLY B 8 -14.61 20.59 -4.05
C GLY B 8 -14.37 21.18 -2.67
N ASP B 9 -13.11 21.43 -2.34
CA ASP B 9 -12.72 21.93 -1.01
C ASP B 9 -12.89 20.85 0.07
N CYS B 10 -13.09 19.60 -0.36
CA CYS B 10 -13.24 18.49 0.57
C CYS B 10 -11.88 18.04 1.10
N ASP B 11 -11.83 17.62 2.37
CA ASP B 11 -10.63 17.02 2.93
C ASP B 11 -10.30 15.71 2.24
N GLN B 12 -11.33 14.91 2.00
CA GLN B 12 -11.13 13.57 1.46
C GLN B 12 -12.05 13.29 0.28
N PHE B 13 -13.03 12.41 0.44
CA PHE B 13 -13.85 12.01 -0.71
C PHE B 13 -14.78 13.12 -1.18
N CYS B 14 -14.87 13.28 -2.49
CA CYS B 14 -15.79 14.24 -3.09
C CYS B 14 -16.70 13.53 -4.09
N HIS B 15 -18.00 13.78 -3.98
CA HIS B 15 -18.99 13.28 -4.93
C HIS B 15 -19.83 14.44 -5.43
N GLU B 16 -20.36 14.32 -6.64
CA GLU B 16 -21.29 15.32 -7.16
C GLU B 16 -22.71 14.76 -7.18
N GLU B 17 -23.58 15.37 -6.38
CA GLU B 17 -24.99 14.98 -6.34
C GLU B 17 -25.85 16.19 -6.67
N GLN B 18 -26.74 16.04 -7.64
CA GLN B 18 -27.63 17.12 -8.05
C GLN B 18 -26.84 18.38 -8.39
N ASN B 19 -25.73 18.20 -9.09
CA ASN B 19 -24.93 19.32 -9.57
C ASN B 19 -24.30 20.10 -8.41
N SER B 20 -24.11 19.42 -7.28
CA SER B 20 -23.51 20.04 -6.10
C SER B 20 -22.48 19.11 -5.45
N VAL B 21 -21.53 19.70 -4.74
CA VAL B 21 -20.50 18.92 -4.06
C VAL B 21 -20.98 18.31 -2.76
N VAL B 22 -20.73 17.01 -2.59
CA VAL B 22 -20.93 16.34 -1.30
C VAL B 22 -19.62 15.71 -0.84
N CYS B 23 -19.15 16.10 0.34
CA CYS B 23 -17.91 15.55 0.89
C CYS B 23 -18.19 14.36 1.80
N SER B 24 -17.23 13.44 1.88
CA SER B 24 -17.31 12.35 2.86
C SER B 24 -15.91 11.90 3.28
N CYS B 25 -15.85 10.99 4.25
CA CYS B 25 -14.60 10.62 4.90
C CYS B 25 -14.39 9.12 4.97
N ALA B 26 -13.13 8.72 5.14
CA ALA B 26 -12.79 7.31 5.37
C ALA B 26 -13.28 6.89 6.75
N ARG B 27 -13.30 5.57 6.98
CA ARG B 27 -13.72 5.04 8.27
C ARG B 27 -12.77 5.53 9.36
N GLY B 28 -13.33 5.88 10.52
CA GLY B 28 -12.51 6.41 11.59
C GLY B 28 -12.47 7.93 11.59
N TYR B 29 -13.10 8.53 10.58
CA TYR B 29 -13.27 9.99 10.52
C TYR B 29 -14.74 10.34 10.50
N THR B 30 -15.08 11.49 11.06
CA THR B 30 -16.42 12.03 10.96
C THR B 30 -16.39 13.35 10.22
N LEU B 31 -17.41 13.59 9.39
CA LEU B 31 -17.48 14.82 8.61
C LEU B 31 -17.77 16.00 9.53
N ALA B 32 -16.95 17.05 9.41
CA ALA B 32 -17.06 18.21 10.28
C ALA B 32 -18.36 18.96 10.02
N ASP B 33 -18.67 19.91 10.91
CA ASP B 33 -19.89 20.69 10.78
C ASP B 33 -19.97 21.44 9.46
N ASN B 34 -18.81 21.82 8.91
CA ASN B 34 -18.81 22.59 7.66
C ASN B 34 -18.98 21.71 6.43
N GLY B 35 -19.16 20.41 6.65
CA GLY B 35 -19.44 19.49 5.57
C GLY B 35 -18.27 19.27 4.63
N LYS B 36 -17.07 19.67 5.05
CA LYS B 36 -15.89 19.54 4.20
C LYS B 36 -14.72 18.83 4.89
N ALA B 37 -14.40 19.27 6.11
CA ALA B 37 -13.26 18.69 6.83
C ALA B 37 -13.61 17.33 7.40
N CYS B 38 -12.57 16.51 7.60
CA CYS B 38 -12.73 15.20 8.20
C CYS B 38 -12.01 15.17 9.55
N ILE B 39 -12.74 14.79 10.60
CA ILE B 39 -12.21 14.83 11.96
C ILE B 39 -12.00 13.42 12.51
N PRO B 40 -10.78 13.12 12.98
CA PRO B 40 -10.48 11.80 13.55
C PRO B 40 -11.32 11.48 14.79
N THR B 41 -11.72 10.22 14.95
CA THR B 41 -12.54 9.82 16.08
C THR B 41 -11.68 9.32 17.25
N GLY B 42 -10.42 9.04 16.98
CA GLY B 42 -9.53 8.61 18.05
C GLY B 42 -8.07 8.80 17.68
N PRO B 43 -7.14 8.34 18.53
CA PRO B 43 -5.73 8.39 18.16
C PRO B 43 -5.47 7.44 16.99
N TYR B 44 -4.40 7.71 16.25
CA TYR B 44 -3.99 6.86 15.15
C TYR B 44 -5.09 6.60 14.13
N PRO B 45 -5.73 7.69 13.64
CA PRO B 45 -6.68 7.56 12.53
C PRO B 45 -5.92 7.09 11.30
N CYS B 46 -6.63 6.41 10.39
CA CYS B 46 -5.93 5.85 9.24
C CYS B 46 -5.30 6.95 8.40
N GLY B 47 -4.16 6.62 7.80
CA GLY B 47 -3.54 7.51 6.84
C GLY B 47 -2.71 8.65 7.40
N LYS B 48 -2.55 8.71 8.72
CA LYS B 48 -1.72 9.75 9.32
C LYS B 48 -0.38 9.22 9.81
N GLN B 49 0.69 9.88 9.41
CA GLN B 49 2.02 9.55 9.93
C GLN B 49 2.04 9.85 11.42
N THR B 50 2.96 9.22 12.14
CA THR B 50 3.06 9.39 13.58
C THR B 50 4.38 10.10 13.93
N LEU B 51 4.41 11.41 13.71
CA LEU B 51 5.65 12.18 13.76
C LEU B 51 5.84 12.96 15.06
N GLU B 52 4.75 13.26 15.75
CA GLU B 52 4.82 13.97 17.02
C GLU B 52 5.13 13.03 18.19
#